data_5OUJ
#
_entry.id   5OUJ
#
_cell.length_a   40.050
_cell.length_b   46.979
_cell.length_c   47.283
_cell.angle_alpha   76.40
_cell.angle_beta   67.57
_cell.angle_gamma   77.40
#
_symmetry.space_group_name_H-M   'P 1'
#
loop_
_entity.id
_entity.type
_entity.pdbx_description
1 polymer 'Aldose reductase'
2 non-polymer 'NADP NICOTINAMIDE-ADENINE-DINUCLEOTIDE PHOSPHATE'
3 non-polymer '2-[(1~{R})-5-(4-chlorophenyl)-9-fluoranyl-3-methyl-1-oxidanyl-1~{H}-pyrimido[4,5-c]quinolin-2-yl]ethanoic acid'
4 water water
#
_entity_poly.entity_id   1
_entity_poly.type   'polypeptide(L)'
_entity_poly.pdbx_seq_one_letter_code
;MASRILLNNGAKMPILGLGTWKSPPGQVTEAVKVAIDVGYRHIDCAHVYQNENEVGVAIQEKLREQVVKREELFIVSKLW
CTYHEKGLVKGACQKTLSDLKLDYLDLYLIHWPTGFKPGKEFFPLDESGNVVPSDTNILDTWAAMEELVDEGLVKAIGIS
NFNHLQVEMILNKPGLKYKPAVNQIECHPYLTQEKLIQYCQSKGIVVTAYSPLGSPDRPWAKPEDPSLLEDPRIKAIAAK
HNKTTAQVLIRFPMQRNLVVIPKSVTPERIAENFKVFDFELSSQDMTTLLSYNRNWRVCALLSCTSHKDYPFHEEF
;
_entity_poly.pdbx_strand_id   A
#
# COMPACT_ATOMS: atom_id res chain seq x y z
N MET A 1 4.50 -21.89 1.13
CA MET A 1 4.03 -20.54 1.35
C MET A 1 2.53 -20.41 0.92
N ALA A 2 1.60 -20.43 1.90
CA ALA A 2 0.20 -20.05 1.63
C ALA A 2 0.12 -18.67 1.00
N SER A 3 -0.84 -18.52 0.12
CA SER A 3 -0.88 -17.33 -0.67
C SER A 3 -1.66 -16.21 -0.03
N ARG A 4 -2.35 -16.44 1.08
CA ARG A 4 -3.15 -15.41 1.72
CA ARG A 4 -3.15 -15.41 1.72
C ARG A 4 -2.86 -15.39 3.22
N ILE A 5 -3.13 -14.25 3.83
N ILE A 5 -3.08 -14.22 3.83
CA ILE A 5 -2.97 -14.02 5.25
CA ILE A 5 -2.95 -13.98 5.28
C ILE A 5 -4.33 -13.62 5.82
C ILE A 5 -4.32 -13.59 5.85
N LEU A 6 -4.66 -14.16 7.01
CA LEU A 6 -5.94 -13.91 7.65
C LEU A 6 -5.95 -12.52 8.30
N LEU A 7 -6.98 -11.78 8.03
CA LEU A 7 -7.20 -10.48 8.67
C LEU A 7 -8.18 -10.61 9.85
N ASN A 8 -8.34 -9.51 10.63
CA ASN A 8 -9.17 -9.49 11.84
C ASN A 8 -10.68 -9.53 11.59
N ASN A 9 -11.12 -9.39 10.34
CA ASN A 9 -12.53 -9.48 9.97
C ASN A 9 -12.84 -10.86 9.43
N GLY A 10 -11.89 -11.75 9.54
CA GLY A 10 -12.10 -13.08 9.08
C GLY A 10 -11.80 -13.30 7.59
N ALA A 11 -11.49 -12.23 6.83
CA ALA A 11 -11.19 -12.36 5.42
C ALA A 11 -9.71 -12.68 5.22
N LYS A 12 -9.40 -13.24 4.07
CA LYS A 12 -8.04 -13.59 3.69
C LYS A 12 -7.54 -12.62 2.61
N MET A 13 -6.33 -12.11 2.81
CA MET A 13 -5.73 -11.11 1.93
C MET A 13 -4.58 -11.72 1.17
N PRO A 14 -4.56 -11.68 -0.17
CA PRO A 14 -3.40 -12.22 -0.91
C PRO A 14 -2.12 -11.48 -0.53
N ILE A 15 -1.08 -12.26 -0.31
CA ILE A 15 0.22 -11.69 0.10
C ILE A 15 0.94 -11.00 -1.03
N LEU A 16 0.59 -11.25 -2.28
CA LEU A 16 1.19 -10.56 -3.41
C LEU A 16 0.11 -9.77 -4.11
N GLY A 17 0.31 -8.48 -4.27
CA GLY A 17 -0.60 -7.63 -5.00
C GLY A 17 0.13 -6.77 -6.01
N LEU A 18 -0.64 -6.14 -6.89
CA LEU A 18 -0.13 -5.26 -7.92
C LEU A 18 -0.26 -3.82 -7.44
N GLY A 19 0.87 -3.11 -7.39
CA GLY A 19 0.84 -1.69 -7.14
C GLY A 19 0.49 -0.87 -8.38
N THR A 20 -0.09 0.32 -8.14
CA THR A 20 -0.57 1.16 -9.25
C THR A 20 -0.18 2.62 -9.16
N TRP A 21 0.65 3.01 -8.19
CA TRP A 21 1.14 4.40 -8.18
C TRP A 21 2.10 4.59 -9.36
N LYS A 22 1.86 5.65 -10.15
CA LYS A 22 2.67 6.00 -11.31
C LYS A 22 2.37 5.08 -12.49
N SER A 23 1.32 4.30 -12.46
CA SER A 23 0.88 3.54 -13.61
C SER A 23 0.00 4.48 -14.44
N PRO A 24 0.44 4.97 -15.59
CA PRO A 24 -0.30 6.02 -16.22
C PRO A 24 -1.64 5.48 -16.67
N PRO A 25 -2.67 6.32 -16.66
CA PRO A 25 -3.98 5.94 -17.07
C PRO A 25 -3.92 5.36 -18.44
N GLY A 26 -3.13 5.86 -19.35
CA GLY A 26 -3.13 5.31 -20.70
C GLY A 26 -2.46 3.94 -20.80
N GLN A 27 -1.84 3.41 -19.71
CA GLN A 27 -1.16 2.10 -19.69
CA GLN A 27 -1.15 2.10 -19.67
CA GLN A 27 -1.17 2.10 -19.69
C GLN A 27 -1.68 1.13 -18.61
N VAL A 28 -2.37 1.61 -17.58
CA VAL A 28 -2.72 0.76 -16.45
C VAL A 28 -3.86 -0.25 -16.69
N THR A 29 -4.78 0.03 -17.60
CA THR A 29 -5.82 -0.96 -17.92
C THR A 29 -5.18 -2.24 -18.39
N GLU A 30 -4.25 -2.16 -19.33
CA GLU A 30 -3.61 -3.39 -19.82
C GLU A 30 -2.82 -4.07 -18.73
N ALA A 31 -2.16 -3.29 -17.84
CA ALA A 31 -1.37 -3.88 -16.77
C ALA A 31 -2.23 -4.70 -15.86
N VAL A 32 -3.40 -4.16 -15.49
CA VAL A 32 -4.28 -4.90 -14.60
C VAL A 32 -4.87 -6.12 -15.29
N LYS A 33 -5.23 -6.01 -16.57
CA LYS A 33 -5.71 -7.18 -17.32
C LYS A 33 -4.67 -8.30 -17.30
N VAL A 34 -3.43 -7.97 -17.62
CA VAL A 34 -2.36 -8.97 -17.63
C VAL A 34 -2.15 -9.54 -16.24
N ALA A 35 -2.16 -8.66 -15.21
CA ALA A 35 -1.96 -9.15 -13.87
C ALA A 35 -3.02 -10.16 -13.49
N ILE A 36 -4.29 -9.85 -13.76
CA ILE A 36 -5.34 -10.81 -13.45
C ILE A 36 -5.12 -12.10 -14.25
N ASP A 37 -4.75 -11.98 -15.55
CA ASP A 37 -4.49 -13.18 -16.37
C ASP A 37 -3.42 -14.08 -15.76
N VAL A 38 -2.36 -13.52 -15.14
CA VAL A 38 -1.27 -14.33 -14.62
C VAL A 38 -1.40 -14.70 -13.20
N GLY A 39 -2.45 -14.24 -12.57
CA GLY A 39 -2.77 -14.77 -11.29
C GLY A 39 -2.91 -13.77 -10.16
N TYR A 40 -2.61 -12.51 -10.37
CA TYR A 40 -2.81 -11.55 -9.27
C TYR A 40 -4.29 -11.45 -8.95
N ARG A 41 -4.56 -11.37 -7.65
CA ARG A 41 -5.91 -11.23 -7.14
C ARG A 41 -6.07 -10.03 -6.22
N HIS A 42 -5.01 -9.34 -5.92
CA HIS A 42 -4.96 -8.20 -5.05
C HIS A 42 -4.39 -7.05 -5.84
N ILE A 43 -5.12 -5.91 -5.87
CA ILE A 43 -4.68 -4.69 -6.54
CA ILE A 43 -4.66 -4.70 -6.52
C ILE A 43 -4.67 -3.58 -5.49
N ASP A 44 -3.54 -2.86 -5.40
CA ASP A 44 -3.41 -1.75 -4.48
C ASP A 44 -3.63 -0.43 -5.26
N CYS A 45 -4.67 0.30 -4.86
CA CYS A 45 -5.13 1.49 -5.58
C CYS A 45 -5.11 2.68 -4.63
N ALA A 46 -5.36 3.87 -5.21
CA ALA A 46 -5.61 5.04 -4.40
C ALA A 46 -6.24 6.12 -5.27
N HIS A 47 -7.12 6.94 -4.68
CA HIS A 47 -7.66 8.08 -5.42
C HIS A 47 -6.58 9.00 -5.92
N VAL A 48 -5.52 9.25 -5.10
CA VAL A 48 -4.48 10.17 -5.47
C VAL A 48 -3.67 9.68 -6.67
N TYR A 49 -3.75 8.38 -7.01
CA TYR A 49 -3.01 7.86 -8.16
C TYR A 49 -3.63 8.25 -9.50
N GLN A 50 -4.84 8.76 -9.48
CA GLN A 50 -5.44 9.40 -10.65
C GLN A 50 -5.72 8.43 -11.78
N ASN A 51 -5.90 7.16 -11.46
CA ASN A 51 -6.02 6.10 -12.44
C ASN A 51 -7.03 5.07 -12.03
N GLU A 52 -7.88 5.35 -11.01
CA GLU A 52 -8.80 4.34 -10.56
C GLU A 52 -9.84 4.00 -11.62
N ASN A 53 -10.28 4.95 -12.44
N ASN A 53 -10.27 4.97 -12.44
CA ASN A 53 -11.24 4.56 -13.48
CA ASN A 53 -11.20 4.66 -13.53
C ASN A 53 -10.65 3.49 -14.38
C ASN A 53 -10.64 3.53 -14.38
N GLU A 54 -9.38 3.66 -14.77
CA GLU A 54 -8.74 2.74 -15.71
C GLU A 54 -8.45 1.39 -15.08
N VAL A 55 -8.14 1.36 -13.76
CA VAL A 55 -8.09 0.10 -13.04
C VAL A 55 -9.46 -0.58 -13.08
N GLY A 56 -10.51 0.21 -12.81
CA GLY A 56 -11.87 -0.33 -12.77
C GLY A 56 -12.32 -0.93 -14.10
N VAL A 57 -11.93 -0.29 -15.22
CA VAL A 57 -12.21 -0.80 -16.57
C VAL A 57 -11.67 -2.22 -16.71
N ALA A 58 -10.43 -2.41 -16.27
CA ALA A 58 -9.76 -3.69 -16.43
C ALA A 58 -10.46 -4.74 -15.60
N ILE A 59 -10.76 -4.38 -14.34
CA ILE A 59 -11.48 -5.32 -13.48
C ILE A 59 -12.84 -5.72 -14.11
N GLN A 60 -13.59 -4.72 -14.57
CA GLN A 60 -14.92 -4.99 -15.17
C GLN A 60 -14.76 -5.92 -16.36
N GLU A 61 -13.76 -5.68 -17.21
CA GLU A 61 -13.58 -6.52 -18.38
C GLU A 61 -13.36 -7.96 -17.97
N LYS A 62 -12.48 -8.19 -16.99
CA LYS A 62 -12.13 -9.56 -16.59
C LYS A 62 -13.29 -10.25 -15.89
N LEU A 63 -14.09 -9.49 -15.15
CA LEU A 63 -15.32 -10.05 -14.60
C LEU A 63 -16.26 -10.48 -15.75
N ARG A 64 -16.38 -9.59 -16.85
CA ARG A 64 -17.28 -9.93 -17.96
C ARG A 64 -16.78 -11.09 -18.83
N GLU A 65 -15.50 -11.26 -18.84
CA GLU A 65 -14.84 -12.38 -19.54
C GLU A 65 -14.96 -13.70 -18.79
N GLN A 66 -15.40 -13.68 -17.53
CA GLN A 66 -15.49 -14.88 -16.70
C GLN A 66 -14.15 -15.43 -16.26
N VAL A 67 -13.16 -14.53 -16.13
CA VAL A 67 -11.82 -14.89 -15.72
C VAL A 67 -11.71 -15.04 -14.20
N VAL A 68 -12.44 -14.15 -13.52
CA VAL A 68 -12.49 -14.07 -12.07
CA VAL A 68 -12.51 -14.07 -12.07
C VAL A 68 -13.90 -13.63 -11.71
N LYS A 69 -14.30 -13.93 -10.49
CA LYS A 69 -15.49 -13.29 -9.91
C LYS A 69 -15.06 -12.32 -8.80
N ARG A 70 -15.95 -11.44 -8.43
CA ARG A 70 -15.60 -10.37 -7.52
C ARG A 70 -15.06 -10.88 -6.17
N GLU A 71 -15.65 -11.94 -5.66
CA GLU A 71 -15.28 -12.41 -4.37
C GLU A 71 -13.82 -12.91 -4.29
N GLU A 72 -13.25 -13.26 -5.44
CA GLU A 72 -11.86 -13.73 -5.50
C GLU A 72 -10.85 -12.60 -5.56
N LEU A 73 -11.30 -11.39 -5.84
CA LEU A 73 -10.44 -10.22 -5.89
C LEU A 73 -10.35 -9.59 -4.52
N PHE A 74 -9.22 -8.93 -4.27
CA PHE A 74 -8.97 -8.20 -3.03
C PHE A 74 -8.52 -6.79 -3.46
N ILE A 75 -9.48 -5.85 -3.44
CA ILE A 75 -9.22 -4.50 -3.96
C ILE A 75 -9.06 -3.56 -2.77
N VAL A 76 -7.91 -2.85 -2.77
CA VAL A 76 -7.56 -1.93 -1.71
C VAL A 76 -7.56 -0.53 -2.28
N SER A 77 -8.12 0.44 -1.57
CA SER A 77 -7.87 1.83 -1.89
C SER A 77 -7.63 2.61 -0.60
N LYS A 78 -7.46 3.93 -0.77
CA LYS A 78 -6.97 4.75 0.34
C LYS A 78 -7.62 6.14 0.25
N LEU A 79 -7.94 6.65 1.45
CA LEU A 79 -8.52 7.97 1.67
C LEU A 79 -7.41 9.00 1.59
N TRP A 80 -7.47 9.94 0.63
CA TRP A 80 -6.43 10.91 0.49
C TRP A 80 -6.51 11.97 1.61
N CYS A 81 -5.36 12.66 1.78
CA CYS A 81 -5.14 13.58 2.88
C CYS A 81 -6.09 14.76 2.90
N THR A 82 -6.61 15.18 1.76
CA THR A 82 -7.53 16.31 1.68
C THR A 82 -8.97 15.95 2.06
N TYR A 83 -9.20 14.69 2.47
CA TYR A 83 -10.55 14.21 2.80
CA TYR A 83 -10.53 14.23 2.80
C TYR A 83 -10.64 13.67 4.21
N HIS A 84 -9.76 14.16 5.13
CA HIS A 84 -9.82 13.61 6.48
C HIS A 84 -10.98 14.11 7.33
N GLU A 85 -11.62 15.20 6.95
CA GLU A 85 -12.76 15.68 7.73
C GLU A 85 -13.83 14.61 7.76
N LYS A 86 -14.47 14.41 8.92
CA LYS A 86 -15.45 13.33 9.04
C LYS A 86 -16.53 13.44 7.98
N GLY A 87 -16.95 14.67 7.61
CA GLY A 87 -18.03 14.80 6.66
C GLY A 87 -17.63 14.56 5.19
N LEU A 88 -16.33 14.43 4.89
CA LEU A 88 -15.84 14.17 3.54
C LEU A 88 -15.50 12.72 3.30
N VAL A 89 -15.38 11.88 4.33
CA VAL A 89 -14.84 10.53 4.17
C VAL A 89 -15.75 9.69 3.30
N LYS A 90 -17.06 9.68 3.58
CA LYS A 90 -17.92 8.79 2.81
C LYS A 90 -17.91 9.16 1.33
N GLY A 91 -17.96 10.43 1.03
CA GLY A 91 -17.95 10.85 -0.37
C GLY A 91 -16.66 10.45 -1.08
N ALA A 92 -15.53 10.55 -0.35
CA ALA A 92 -14.28 10.12 -0.95
C ALA A 92 -14.28 8.64 -1.25
N CYS A 93 -14.80 7.84 -0.32
CA CYS A 93 -14.88 6.41 -0.52
C CYS A 93 -15.79 6.11 -1.72
N GLN A 94 -16.95 6.75 -1.75
CA GLN A 94 -17.91 6.49 -2.83
CA GLN A 94 -17.94 6.55 -2.82
C GLN A 94 -17.36 6.93 -4.19
N LYS A 95 -16.55 7.99 -4.25
CA LYS A 95 -15.92 8.38 -5.51
C LYS A 95 -14.97 7.27 -5.98
N THR A 96 -14.16 6.77 -5.06
CA THR A 96 -13.31 5.64 -5.39
C THR A 96 -14.13 4.43 -5.88
N LEU A 97 -15.21 4.10 -5.17
CA LEU A 97 -16.04 2.97 -5.58
C LEU A 97 -16.60 3.20 -6.99
N SER A 98 -17.09 4.42 -7.25
CA SER A 98 -17.65 4.71 -8.55
C SER A 98 -16.60 4.61 -9.65
N ASP A 99 -15.39 5.16 -9.40
CA ASP A 99 -14.31 5.09 -10.38
C ASP A 99 -13.91 3.63 -10.64
N LEU A 100 -13.78 2.84 -9.57
CA LEU A 100 -13.39 1.44 -9.72
C LEU A 100 -14.53 0.57 -10.23
N LYS A 101 -15.73 1.06 -10.30
CA LYS A 101 -16.92 0.31 -10.73
CA LYS A 101 -16.92 0.32 -10.73
C LYS A 101 -17.26 -0.84 -9.79
N LEU A 102 -17.01 -0.65 -8.50
CA LEU A 102 -17.23 -1.65 -7.47
C LEU A 102 -18.33 -1.21 -6.50
N ASP A 103 -18.91 -2.20 -5.83
CA ASP A 103 -19.86 -1.88 -4.78
CA ASP A 103 -19.90 -2.03 -4.78
C ASP A 103 -19.30 -2.09 -3.38
N TYR A 104 -18.09 -2.55 -3.27
CA TYR A 104 -17.40 -2.52 -1.99
C TYR A 104 -15.90 -2.59 -2.28
N LEU A 105 -15.12 -2.15 -1.28
CA LEU A 105 -13.69 -2.38 -1.24
C LEU A 105 -13.40 -3.50 -0.22
N ASP A 106 -12.36 -4.32 -0.48
CA ASP A 106 -11.95 -5.29 0.52
C ASP A 106 -11.20 -4.61 1.67
N LEU A 107 -10.53 -3.49 1.40
CA LEU A 107 -9.75 -2.81 2.42
C LEU A 107 -9.66 -1.35 2.03
N TYR A 108 -9.85 -0.46 3.00
CA TYR A 108 -9.75 0.97 2.77
C TYR A 108 -8.84 1.53 3.85
N LEU A 109 -7.80 2.25 3.43
CA LEU A 109 -6.76 2.73 4.33
C LEU A 109 -6.81 4.24 4.46
N ILE A 110 -6.50 4.76 5.66
CA ILE A 110 -6.11 6.15 5.77
C ILE A 110 -4.71 6.27 5.15
N HIS A 111 -4.59 7.01 4.03
CA HIS A 111 -3.37 6.94 3.21
C HIS A 111 -2.12 7.44 3.97
N TRP A 112 -2.30 8.56 4.68
CA TRP A 112 -1.27 9.14 5.53
C TRP A 112 -1.95 9.67 6.78
N PRO A 113 -1.25 9.78 7.90
CA PRO A 113 -1.87 10.30 9.11
C PRO A 113 -2.15 11.81 9.04
N THR A 114 -1.53 12.50 8.11
CA THR A 114 -1.61 13.96 7.97
C THR A 114 -2.82 14.36 7.15
N GLY A 115 -3.69 15.19 7.73
CA GLY A 115 -4.75 15.82 6.97
C GLY A 115 -4.29 17.11 6.33
N PHE A 116 -4.72 17.34 5.10
CA PHE A 116 -4.40 18.54 4.33
C PHE A 116 -5.67 19.35 4.12
N LYS A 117 -5.50 20.65 3.90
CA LYS A 117 -6.62 21.53 3.60
C LYS A 117 -7.51 20.91 2.52
N PRO A 118 -8.83 20.87 2.72
CA PRO A 118 -9.70 20.34 1.71
CA PRO A 118 -9.71 20.35 1.68
C PRO A 118 -9.75 21.27 0.49
N GLY A 119 -10.01 20.68 -0.67
CA GLY A 119 -10.02 21.45 -1.90
C GLY A 119 -9.61 20.60 -3.07
N LYS A 120 -9.46 21.22 -4.23
CA LYS A 120 -9.22 20.45 -5.44
C LYS A 120 -7.79 19.92 -5.51
N GLU A 121 -6.82 20.65 -4.98
CA GLU A 121 -5.42 20.28 -5.12
C GLU A 121 -5.07 19.17 -4.13
N PHE A 122 -4.37 18.16 -4.59
CA PHE A 122 -3.97 17.06 -3.72
C PHE A 122 -2.90 17.44 -2.69
N PHE A 123 -2.02 18.38 -3.05
CA PHE A 123 -0.94 18.83 -2.18
C PHE A 123 -1.04 20.35 -2.13
N PRO A 124 -2.02 20.89 -1.39
CA PRO A 124 -2.28 22.33 -1.42
C PRO A 124 -1.10 23.02 -0.79
N LEU A 125 -0.61 24.03 -1.49
CA LEU A 125 0.53 24.83 -1.02
C LEU A 125 0.21 26.25 -0.72
N ASP A 126 0.95 26.78 0.25
CA ASP A 126 0.89 28.22 0.45
C ASP A 126 1.87 28.91 -0.49
N GLU A 127 1.97 30.23 -0.41
CA GLU A 127 2.87 30.92 -1.33
C GLU A 127 4.35 30.64 -1.07
N SER A 128 4.71 29.92 -0.03
CA SER A 128 6.08 29.54 0.29
C SER A 128 6.40 28.04 0.16
N GLY A 129 5.49 27.24 -0.39
CA GLY A 129 5.62 25.80 -0.63
C GLY A 129 5.42 24.88 0.54
N ASN A 130 4.91 25.36 1.62
CA ASN A 130 4.51 24.49 2.72
C ASN A 130 3.18 23.86 2.41
N VAL A 131 3.02 22.56 2.72
CA VAL A 131 1.70 21.94 2.70
C VAL A 131 0.82 22.64 3.73
N VAL A 132 -0.39 22.91 3.30
CA VAL A 132 -1.39 23.52 4.18
C VAL A 132 -2.14 22.40 4.87
N PRO A 133 -2.07 22.33 6.16
CA PRO A 133 -2.75 21.24 6.88
C PRO A 133 -4.23 21.54 7.01
N SER A 134 -4.97 20.50 7.40
CA SER A 134 -6.33 20.67 7.91
CA SER A 134 -6.32 20.71 7.92
C SER A 134 -6.41 20.45 9.42
N ASP A 135 -7.48 21.01 9.98
CA ASP A 135 -7.86 20.85 11.40
CA ASP A 135 -7.84 20.83 11.41
C ASP A 135 -8.60 19.51 11.56
N THR A 136 -7.86 18.44 11.33
CA THR A 136 -8.35 17.11 11.51
C THR A 136 -7.39 16.31 12.42
N ASN A 137 -7.90 15.20 12.98
CA ASN A 137 -7.11 14.38 13.88
C ASN A 137 -7.36 12.89 13.57
N ILE A 138 -6.39 12.08 13.94
CA ILE A 138 -6.42 10.68 13.59
C ILE A 138 -7.68 10.01 14.10
N LEU A 139 -8.04 10.26 15.38
CA LEU A 139 -9.12 9.50 15.98
C LEU A 139 -10.46 9.82 15.32
N ASP A 140 -10.72 11.09 15.00
CA ASP A 140 -11.96 11.42 14.35
C ASP A 140 -12.00 10.84 12.90
N THR A 141 -10.89 10.90 12.19
CA THR A 141 -10.88 10.28 10.86
C THR A 141 -11.11 8.78 10.99
N TRP A 142 -10.52 8.14 11.99
CA TRP A 142 -10.76 6.71 12.18
C TRP A 142 -12.25 6.43 12.42
N ALA A 143 -12.89 7.22 13.28
CA ALA A 143 -14.30 6.97 13.50
C ALA A 143 -15.10 7.05 12.20
N ALA A 144 -14.74 7.98 11.31
CA ALA A 144 -15.42 8.08 10.03
C ALA A 144 -15.14 6.85 9.15
N MET A 145 -13.92 6.32 9.20
CA MET A 145 -13.63 5.07 8.50
C MET A 145 -14.51 3.93 9.01
N GLU A 146 -14.71 3.82 10.33
CA GLU A 146 -15.50 2.76 10.91
C GLU A 146 -16.90 2.75 10.36
N GLU A 147 -17.48 3.95 10.13
CA GLU A 147 -18.80 4.04 9.57
C GLU A 147 -18.91 3.36 8.21
N LEU A 148 -17.84 3.41 7.42
CA LEU A 148 -17.84 2.78 6.09
C LEU A 148 -18.01 1.28 6.20
N VAL A 149 -17.42 0.66 7.23
CA VAL A 149 -17.63 -0.78 7.45
C VAL A 149 -19.10 -1.01 7.85
N ASP A 150 -19.60 -0.21 8.78
CA ASP A 150 -20.97 -0.41 9.26
C ASP A 150 -21.98 -0.24 8.14
N GLU A 151 -21.72 0.53 7.11
CA GLU A 151 -22.61 0.73 5.98
C GLU A 151 -22.33 -0.19 4.82
N GLY A 152 -21.35 -1.09 4.92
CA GLY A 152 -21.10 -2.06 3.89
C GLY A 152 -20.33 -1.59 2.69
N LEU A 153 -19.76 -0.37 2.74
CA LEU A 153 -18.95 0.13 1.65
CA LEU A 153 -18.97 0.09 1.62
C LEU A 153 -17.59 -0.56 1.58
N VAL A 154 -17.06 -0.97 2.73
CA VAL A 154 -15.72 -1.56 2.81
C VAL A 154 -15.80 -2.72 3.81
N LYS A 155 -15.01 -3.77 3.56
CA LYS A 155 -15.01 -4.93 4.44
C LYS A 155 -14.04 -4.81 5.60
N ALA A 156 -13.01 -4.03 5.45
CA ALA A 156 -11.99 -3.84 6.47
C ALA A 156 -11.39 -2.46 6.27
N ILE A 157 -10.88 -1.90 7.37
CA ILE A 157 -10.21 -0.63 7.31
C ILE A 157 -8.85 -0.78 7.95
N GLY A 158 -7.93 0.07 7.55
CA GLY A 158 -6.58 0.11 8.07
C GLY A 158 -5.92 1.46 7.85
N ILE A 159 -4.61 1.46 8.02
CA ILE A 159 -3.83 2.68 8.03
C ILE A 159 -2.59 2.48 7.18
N SER A 160 -1.93 3.59 6.89
CA SER A 160 -0.72 3.55 6.08
C SER A 160 0.18 4.69 6.52
N ASN A 161 1.46 4.43 6.62
CA ASN A 161 2.43 5.47 7.03
C ASN A 161 2.19 5.96 8.46
N PHE A 162 1.61 5.09 9.31
CA PHE A 162 1.46 5.45 10.73
C PHE A 162 2.63 4.89 11.52
N ASN A 163 3.17 5.71 12.39
CA ASN A 163 4.19 5.22 13.32
C ASN A 163 3.53 4.48 14.47
N HIS A 164 4.34 3.85 15.32
CA HIS A 164 3.73 2.98 16.32
C HIS A 164 2.89 3.77 17.29
N LEU A 165 3.30 5.01 17.62
CA LEU A 165 2.49 5.78 18.53
C LEU A 165 1.16 6.18 17.94
N GLN A 166 1.13 6.41 16.61
CA GLN A 166 -0.11 6.75 15.94
C GLN A 166 -1.03 5.54 15.86
N VAL A 167 -0.46 4.38 15.62
CA VAL A 167 -1.24 3.13 15.70
C VAL A 167 -1.82 2.97 17.10
N GLU A 168 -0.97 3.17 18.10
CA GLU A 168 -1.41 2.97 19.49
C GLU A 168 -2.55 3.91 19.82
N MET A 169 -2.54 5.14 19.28
CA MET A 169 -3.62 6.05 19.55
C MET A 169 -4.96 5.47 19.11
N ILE A 170 -5.00 4.82 17.92
CA ILE A 170 -6.24 4.16 17.50
C ILE A 170 -6.56 2.98 18.41
N LEU A 171 -5.57 2.12 18.65
CA LEU A 171 -5.83 0.93 19.48
C LEU A 171 -6.42 1.28 20.80
N ASN A 172 -5.99 2.38 21.38
CA ASN A 172 -6.40 2.74 22.74
C ASN A 172 -7.63 3.63 22.76
N LYS A 173 -8.19 3.94 21.60
CA LYS A 173 -9.33 4.87 21.52
C LYS A 173 -10.52 4.37 22.33
N PRO A 174 -11.06 5.17 23.23
CA PRO A 174 -12.30 4.75 23.90
C PRO A 174 -13.40 4.64 22.87
N GLY A 175 -14.09 3.54 22.93
CA GLY A 175 -15.20 3.28 22.03
C GLY A 175 -14.77 2.82 20.64
N LEU A 176 -13.53 2.37 20.51
CA LEU A 176 -13.06 1.77 19.26
C LEU A 176 -14.09 0.73 18.78
N LYS A 177 -14.46 0.80 17.50
CA LYS A 177 -15.36 -0.19 16.96
CA LYS A 177 -15.36 -0.17 16.91
C LYS A 177 -14.67 -1.26 16.15
N TYR A 178 -13.64 -0.91 15.36
CA TYR A 178 -12.85 -1.84 14.56
C TYR A 178 -11.39 -1.54 14.77
N LYS A 179 -10.56 -2.54 15.07
CA LYS A 179 -9.14 -2.33 15.03
C LYS A 179 -8.69 -2.25 13.59
N PRO A 180 -7.62 -1.50 13.32
CA PRO A 180 -7.05 -1.50 12.00
CA PRO A 180 -7.03 -1.50 12.00
C PRO A 180 -6.60 -2.91 11.64
N ALA A 181 -6.92 -3.34 10.41
CA ALA A 181 -6.54 -4.68 9.96
C ALA A 181 -5.11 -4.74 9.44
N VAL A 182 -4.64 -3.61 8.87
CA VAL A 182 -3.41 -3.51 8.11
C VAL A 182 -2.79 -2.16 8.40
N ASN A 183 -1.45 -2.13 8.44
CA ASN A 183 -0.65 -0.92 8.30
C ASN A 183 0.25 -1.12 7.09
N GLN A 184 0.07 -0.27 6.06
CA GLN A 184 0.86 -0.33 4.86
C GLN A 184 1.99 0.69 4.96
N ILE A 185 3.24 0.20 4.91
CA ILE A 185 4.43 1.01 5.16
C ILE A 185 5.50 0.69 4.13
N GLU A 186 6.41 1.65 3.92
CA GLU A 186 7.53 1.40 3.05
C GLU A 186 8.40 0.31 3.66
N CYS A 187 8.88 -0.66 2.87
CA CYS A 187 9.74 -1.69 3.46
C CYS A 187 10.51 -2.39 2.36
N HIS A 188 11.81 -2.51 2.57
CA HIS A 188 12.72 -3.11 1.59
C HIS A 188 14.07 -3.28 2.28
N PRO A 189 15.09 -3.85 1.63
CA PRO A 189 16.35 -4.09 2.35
C PRO A 189 17.04 -2.86 2.89
N TYR A 190 16.75 -1.65 2.35
CA TYR A 190 17.39 -0.45 2.87
C TYR A 190 16.59 0.22 3.96
N LEU A 191 15.37 -0.25 4.22
CA LEU A 191 14.47 0.26 5.25
C LEU A 191 13.66 -0.95 5.76
N THR A 192 14.30 -1.74 6.63
CA THR A 192 13.77 -3.05 6.95
C THR A 192 12.65 -3.01 7.97
N GLN A 193 12.47 -1.90 8.70
CA GLN A 193 11.28 -1.73 9.56
C GLN A 193 11.17 -2.77 10.66
N GLU A 194 12.29 -3.20 11.23
CA GLU A 194 12.21 -4.29 12.20
C GLU A 194 11.32 -3.89 13.35
N LYS A 195 11.48 -2.71 13.95
CA LYS A 195 10.70 -2.38 15.12
C LYS A 195 9.21 -2.19 14.85
N LEU A 196 8.88 -1.50 13.76
CA LEU A 196 7.46 -1.26 13.47
C LEU A 196 6.78 -2.57 13.06
N ILE A 197 7.46 -3.45 12.32
CA ILE A 197 6.90 -4.76 11.99
C ILE A 197 6.64 -5.56 13.25
N GLN A 198 7.63 -5.59 14.15
CA GLN A 198 7.46 -6.36 15.39
C GLN A 198 6.27 -5.81 16.16
N TYR A 199 6.15 -4.48 16.24
CA TYR A 199 5.07 -3.87 16.95
C TYR A 199 3.71 -4.26 16.32
N CYS A 200 3.57 -4.04 15.02
CA CYS A 200 2.28 -4.32 14.38
C CYS A 200 1.91 -5.79 14.49
N GLN A 201 2.85 -6.67 14.18
CA GLN A 201 2.54 -8.10 14.22
C GLN A 201 2.16 -8.56 15.62
N SER A 202 2.74 -7.93 16.64
CA SER A 202 2.42 -8.30 18.03
C SER A 202 1.02 -7.83 18.41
N LYS A 203 0.48 -6.85 17.68
CA LYS A 203 -0.84 -6.31 17.93
C LYS A 203 -1.86 -6.87 16.95
N GLY A 204 -1.53 -7.90 16.22
CA GLY A 204 -2.49 -8.52 15.33
C GLY A 204 -2.82 -7.65 14.13
N ILE A 205 -1.90 -6.80 13.67
CA ILE A 205 -2.07 -5.94 12.49
C ILE A 205 -1.15 -6.49 11.42
N VAL A 206 -1.72 -6.77 10.22
CA VAL A 206 -0.92 -7.26 9.11
C VAL A 206 -0.19 -6.08 8.46
N VAL A 207 1.07 -6.30 8.13
CA VAL A 207 1.86 -5.27 7.50
C VAL A 207 1.96 -5.55 6.02
N THR A 208 1.67 -4.48 5.21
CA THR A 208 1.95 -4.51 3.79
C THR A 208 3.18 -3.64 3.51
N ALA A 209 4.12 -4.23 2.76
CA ALA A 209 5.36 -3.55 2.33
C ALA A 209 5.13 -2.87 0.97
N TYR A 210 5.27 -1.54 0.97
CA TYR A 210 5.20 -0.78 -0.26
C TYR A 210 6.60 -0.39 -0.74
N SER A 211 6.73 -0.03 -1.99
CA SER A 211 8.00 0.27 -2.64
C SER A 211 9.03 -0.83 -2.38
N PRO A 212 8.67 -2.10 -2.59
CA PRO A 212 9.61 -3.22 -2.29
C PRO A 212 10.82 -3.22 -3.21
N LEU A 213 10.72 -2.63 -4.40
CA LEU A 213 11.80 -2.57 -5.34
C LEU A 213 12.57 -1.26 -5.21
N GLY A 214 12.24 -0.42 -4.20
CA GLY A 214 12.88 0.84 -4.03
C GLY A 214 12.36 1.95 -4.92
N SER A 215 11.18 1.79 -5.52
CA SER A 215 10.51 2.85 -6.26
C SER A 215 11.48 3.63 -7.16
N PRO A 216 12.12 2.94 -8.11
CA PRO A 216 13.11 3.67 -8.97
C PRO A 216 12.48 4.75 -9.82
N ASP A 217 11.17 4.68 -10.06
CA ASP A 217 10.38 5.65 -10.80
C ASP A 217 9.81 6.78 -9.95
N ARG A 218 10.14 6.86 -8.67
CA ARG A 218 9.64 7.94 -7.84
C ARG A 218 10.06 9.29 -8.39
N PRO A 219 9.22 10.32 -8.29
CA PRO A 219 9.52 11.56 -9.03
C PRO A 219 10.58 12.43 -8.43
N TRP A 220 11.04 12.22 -7.22
CA TRP A 220 12.09 13.05 -6.60
C TRP A 220 13.43 12.35 -6.56
N ALA A 221 13.62 11.26 -7.32
CA ALA A 221 14.83 10.48 -7.19
C ALA A 221 16.05 11.32 -7.58
N LYS A 222 17.12 11.09 -6.91
CA LYS A 222 18.40 11.70 -7.25
C LYS A 222 19.34 10.62 -7.73
N PRO A 223 20.19 10.95 -8.68
CA PRO A 223 21.03 9.91 -9.30
C PRO A 223 21.93 9.21 -8.33
N GLU A 224 22.43 9.92 -7.29
CA GLU A 224 23.31 9.36 -6.27
C GLU A 224 22.55 8.50 -5.25
N ASP A 225 21.22 8.49 -5.29
CA ASP A 225 20.45 7.71 -4.32
C ASP A 225 20.79 6.22 -4.46
N PRO A 226 20.81 5.50 -3.34
CA PRO A 226 20.90 4.05 -3.40
C PRO A 226 19.84 3.41 -4.27
N SER A 227 20.22 2.34 -4.96
CA SER A 227 19.36 1.67 -5.93
C SER A 227 19.32 0.18 -5.69
N LEU A 228 18.21 -0.30 -5.14
CA LEU A 228 18.07 -1.70 -4.80
C LEU A 228 18.15 -2.58 -6.02
N LEU A 229 17.45 -2.22 -7.11
CA LEU A 229 17.46 -3.13 -8.22
C LEU A 229 18.83 -3.29 -8.83
N GLU A 230 19.72 -2.33 -8.65
CA GLU A 230 21.07 -2.34 -9.21
CA GLU A 230 21.05 -2.46 -9.23
C GLU A 230 22.11 -2.81 -8.21
N ASP A 231 21.72 -3.19 -7.00
CA ASP A 231 22.67 -3.55 -5.96
C ASP A 231 23.36 -4.85 -6.32
N PRO A 232 24.69 -4.86 -6.49
CA PRO A 232 25.34 -6.10 -6.98
C PRO A 232 25.31 -7.20 -5.95
N ARG A 233 25.14 -6.87 -4.67
CA ARG A 233 25.05 -7.90 -3.64
C ARG A 233 23.74 -8.68 -3.76
N ILE A 234 22.67 -7.95 -4.05
CA ILE A 234 21.36 -8.62 -4.24
C ILE A 234 21.34 -9.36 -5.55
N LYS A 235 21.99 -8.80 -6.60
CA LYS A 235 22.12 -9.51 -7.85
C LYS A 235 22.79 -10.89 -7.64
N ALA A 236 23.80 -10.95 -6.77
CA ALA A 236 24.48 -12.21 -6.51
C ALA A 236 23.57 -13.22 -5.82
N ILE A 237 22.76 -12.79 -4.86
CA ILE A 237 21.79 -13.68 -4.21
C ILE A 237 20.81 -14.19 -5.25
N ALA A 238 20.32 -13.30 -6.11
CA ALA A 238 19.38 -13.67 -7.16
C ALA A 238 20.00 -14.74 -8.08
N ALA A 239 21.25 -14.53 -8.55
CA ALA A 239 21.91 -15.45 -9.48
C ALA A 239 22.00 -16.86 -8.90
N LYS A 240 22.26 -16.92 -7.65
CA LYS A 240 22.40 -18.21 -6.99
C LYS A 240 21.12 -19.04 -7.03
N HIS A 241 19.97 -18.37 -7.03
CA HIS A 241 18.65 -19.00 -7.09
C HIS A 241 18.08 -19.07 -8.50
N ASN A 242 18.82 -18.57 -9.55
CA ASN A 242 18.30 -18.50 -10.91
CA ASN A 242 18.31 -18.51 -10.91
C ASN A 242 17.03 -17.66 -10.98
N LYS A 243 17.03 -16.53 -10.25
CA LYS A 243 15.91 -15.57 -10.18
C LYS A 243 16.46 -14.19 -10.46
N THR A 244 15.57 -13.24 -10.71
CA THR A 244 16.00 -11.86 -10.88
C THR A 244 16.10 -11.16 -9.54
N THR A 245 16.79 -10.04 -9.53
CA THR A 245 16.85 -9.23 -8.34
CA THR A 245 16.85 -9.21 -8.33
C THR A 245 15.45 -8.82 -7.88
N ALA A 246 14.59 -8.42 -8.81
CA ALA A 246 13.23 -8.07 -8.42
C ALA A 246 12.53 -9.24 -7.72
N GLN A 247 12.69 -10.46 -8.25
CA GLN A 247 12.05 -11.60 -7.62
C GLN A 247 12.55 -11.83 -6.19
N VAL A 248 13.86 -11.66 -5.95
CA VAL A 248 14.38 -11.72 -4.59
C VAL A 248 13.78 -10.65 -3.71
N LEU A 249 13.67 -9.41 -4.25
CA LEU A 249 13.13 -8.32 -3.48
C LEU A 249 11.65 -8.53 -3.13
N ILE A 250 10.91 -9.27 -3.93
CA ILE A 250 9.50 -9.56 -3.63
C ILE A 250 9.37 -10.72 -2.66
N ARG A 251 10.23 -11.77 -2.84
CA ARG A 251 10.17 -12.91 -1.95
C ARG A 251 10.58 -12.55 -0.54
N PHE A 252 11.51 -11.60 -0.39
CA PHE A 252 12.05 -11.19 0.90
C PHE A 252 10.94 -10.84 1.92
N PRO A 253 10.05 -9.87 1.62
CA PRO A 253 8.98 -9.58 2.59
C PRO A 253 8.02 -10.72 2.75
N MET A 254 7.78 -11.53 1.71
CA MET A 254 6.87 -12.68 1.87
C MET A 254 7.34 -13.60 2.98
N GLN A 255 8.66 -13.78 3.11
CA GLN A 255 9.21 -14.65 4.15
C GLN A 255 9.27 -13.99 5.53
N ARG A 256 8.85 -12.76 5.66
CA ARG A 256 8.71 -12.05 6.91
C ARG A 256 7.24 -11.95 7.33
N ASN A 257 6.37 -12.74 6.67
CA ASN A 257 4.94 -12.71 6.93
CA ASN A 257 4.93 -12.74 6.91
C ASN A 257 4.33 -11.36 6.64
N LEU A 258 4.86 -10.69 5.62
CA LEU A 258 4.30 -9.45 5.11
C LEU A 258 3.54 -9.70 3.81
N VAL A 259 2.63 -8.76 3.52
CA VAL A 259 2.05 -8.62 2.19
C VAL A 259 2.97 -7.68 1.40
N VAL A 260 3.06 -7.85 0.08
CA VAL A 260 3.96 -7.02 -0.72
C VAL A 260 3.26 -6.67 -2.03
N ILE A 261 3.49 -5.43 -2.51
CA ILE A 261 2.71 -4.86 -3.63
C ILE A 261 3.61 -4.22 -4.68
N PRO A 262 4.48 -4.99 -5.33
CA PRO A 262 5.31 -4.41 -6.40
C PRO A 262 4.48 -3.84 -7.54
N LYS A 263 4.91 -2.69 -8.08
CA LYS A 263 4.23 -2.07 -9.19
C LYS A 263 4.97 -2.33 -10.50
N SER A 264 4.21 -2.65 -11.55
CA SER A 264 4.71 -2.58 -12.92
C SER A 264 3.55 -2.34 -13.85
N VAL A 265 3.84 -1.70 -14.97
CA VAL A 265 2.96 -1.66 -16.15
C VAL A 265 3.52 -2.43 -17.34
N THR A 266 4.66 -3.10 -17.15
CA THR A 266 5.31 -3.79 -18.25
C THR A 266 4.89 -5.23 -18.21
N PRO A 267 4.21 -5.74 -19.23
CA PRO A 267 3.70 -7.10 -19.11
C PRO A 267 4.68 -8.19 -18.70
N GLU A 268 5.89 -8.19 -19.26
CA GLU A 268 6.83 -9.24 -18.88
C GLU A 268 7.19 -9.17 -17.41
N ARG A 269 7.30 -7.92 -16.88
CA ARG A 269 7.67 -7.75 -15.49
C ARG A 269 6.50 -8.10 -14.57
N ILE A 270 5.27 -7.79 -14.96
CA ILE A 270 4.10 -8.19 -14.17
C ILE A 270 4.14 -9.71 -13.96
N ALA A 271 4.40 -10.46 -15.05
CA ALA A 271 4.46 -11.92 -14.92
C ALA A 271 5.66 -12.37 -14.09
N GLU A 272 6.84 -11.77 -14.34
CA GLU A 272 8.06 -12.08 -13.58
C GLU A 272 7.86 -11.92 -12.10
N ASN A 273 7.22 -10.80 -11.73
CA ASN A 273 7.05 -10.46 -10.33
C ASN A 273 6.13 -11.40 -9.59
N PHE A 274 5.25 -12.10 -10.30
CA PHE A 274 4.36 -13.06 -9.65
C PHE A 274 5.03 -14.42 -9.47
N LYS A 275 6.11 -14.68 -10.19
CA LYS A 275 6.72 -16.02 -10.21
C LYS A 275 7.74 -16.09 -9.05
N VAL A 276 7.21 -16.06 -7.84
CA VAL A 276 7.95 -16.00 -6.60
C VAL A 276 7.45 -17.03 -5.61
N PHE A 277 6.65 -18.00 -6.04
CA PHE A 277 6.16 -19.06 -5.18
C PHE A 277 6.86 -20.39 -5.41
N ASP A 278 7.95 -20.37 -6.16
CA ASP A 278 8.63 -21.59 -6.58
C ASP A 278 10.08 -21.62 -6.09
N PHE A 279 10.46 -20.78 -5.13
CA PHE A 279 11.80 -20.79 -4.55
C PHE A 279 11.70 -20.26 -3.14
N GLU A 280 12.79 -20.49 -2.39
CA GLU A 280 12.91 -20.01 -1.01
C GLU A 280 14.24 -19.32 -0.82
N LEU A 281 14.24 -18.14 -0.19
CA LEU A 281 15.48 -17.55 0.31
C LEU A 281 15.93 -18.31 1.55
N SER A 282 17.23 -18.56 1.65
CA SER A 282 17.76 -19.31 2.78
C SER A 282 17.81 -18.43 4.02
N SER A 283 18.07 -19.05 5.19
CA SER A 283 18.29 -18.26 6.39
CA SER A 283 18.32 -18.28 6.42
C SER A 283 19.41 -17.25 6.21
N GLN A 284 20.50 -17.67 5.62
CA GLN A 284 21.59 -16.74 5.36
C GLN A 284 21.17 -15.63 4.38
N ASP A 285 20.42 -15.94 3.31
CA ASP A 285 19.94 -14.90 2.42
C ASP A 285 19.12 -13.87 3.18
N MET A 286 18.20 -14.33 4.07
CA MET A 286 17.33 -13.43 4.80
C MET A 286 18.14 -12.55 5.71
N THR A 287 19.07 -13.17 6.45
CA THR A 287 19.98 -12.45 7.31
C THR A 287 20.81 -11.43 6.51
N THR A 288 21.32 -11.82 5.36
CA THR A 288 22.11 -10.89 4.56
C THR A 288 21.26 -9.70 4.09
N LEU A 289 20.08 -9.98 3.57
CA LEU A 289 19.22 -8.88 3.07
C LEU A 289 18.84 -7.95 4.21
N LEU A 290 18.50 -8.48 5.38
CA LEU A 290 18.18 -7.65 6.52
C LEU A 290 19.35 -6.75 6.89
N SER A 291 20.59 -7.25 6.69
CA SER A 291 21.79 -6.52 7.10
C SER A 291 22.07 -5.29 6.22
N TYR A 292 21.37 -5.16 5.09
CA TYR A 292 21.52 -4.00 4.22
C TYR A 292 20.78 -2.79 4.70
N ASN A 293 20.05 -2.87 5.80
CA ASN A 293 19.25 -1.75 6.27
C ASN A 293 20.11 -0.52 6.50
N ARG A 294 19.61 0.61 6.05
CA ARG A 294 20.19 1.91 6.28
C ARG A 294 19.21 2.91 6.81
N ASN A 295 18.00 2.46 7.15
CA ASN A 295 16.97 3.38 7.58
C ASN A 295 16.70 4.44 6.52
N TRP A 296 16.74 3.99 5.29
CA TRP A 296 16.72 4.92 4.17
C TRP A 296 15.37 4.84 3.46
N ARG A 297 14.61 5.95 3.51
CA ARG A 297 13.25 6.04 2.98
C ARG A 297 13.27 6.70 1.62
N VAL A 298 12.51 6.11 0.71
CA VAL A 298 12.23 6.79 -0.53
C VAL A 298 10.99 7.68 -0.43
N CYS A 299 10.04 7.36 0.46
N CYS A 299 10.17 7.49 0.56
CA CYS A 299 8.79 8.14 0.64
CA CYS A 299 8.88 8.14 0.56
C CYS A 299 8.80 8.77 2.02
C CYS A 299 8.65 8.87 1.90
N ALA A 300 9.43 9.94 2.11
CA ALA A 300 9.57 10.62 3.39
C ALA A 300 8.63 11.79 3.56
N LEU A 301 7.75 12.09 2.57
CA LEU A 301 6.74 13.16 2.67
C LEU A 301 7.35 14.49 3.13
N LEU A 302 8.39 14.92 2.41
CA LEU A 302 9.25 16.02 2.91
C LEU A 302 8.56 17.37 2.98
N SER A 303 7.51 17.62 2.23
CA SER A 303 6.76 18.87 2.32
C SER A 303 5.88 19.00 3.56
N CYS A 304 5.84 17.95 4.40
CA CYS A 304 4.93 17.85 5.51
C CYS A 304 5.68 17.66 6.83
N THR A 305 6.98 18.00 6.86
CA THR A 305 7.76 17.71 8.04
C THR A 305 7.37 18.58 9.21
N SER A 306 6.63 19.68 9.02
CA SER A 306 6.14 20.51 10.13
CA SER A 306 6.16 20.45 10.18
C SER A 306 4.70 20.16 10.53
N HIS A 307 4.06 19.23 9.85
CA HIS A 307 2.69 18.87 10.18
C HIS A 307 2.65 18.18 11.55
N LYS A 308 1.60 18.49 12.37
CA LYS A 308 1.53 17.93 13.71
C LYS A 308 1.56 16.41 13.69
N ASP A 309 1.03 15.79 12.62
CA ASP A 309 0.97 14.34 12.57
CA ASP A 309 0.92 14.36 12.53
C ASP A 309 1.97 13.76 11.58
N TYR A 310 3.04 14.50 11.24
CA TYR A 310 4.08 13.93 10.42
C TYR A 310 4.62 12.66 11.08
N PRO A 311 4.71 11.53 10.34
CA PRO A 311 4.92 10.27 11.05
C PRO A 311 6.36 9.90 11.33
N PHE A 312 7.33 10.54 10.67
CA PHE A 312 8.71 10.03 10.62
C PHE A 312 9.69 10.79 11.50
N HIS A 313 9.22 11.57 12.49
CA HIS A 313 10.10 12.07 13.54
C HIS A 313 10.39 10.97 14.53
N GLU A 314 9.39 10.17 14.89
CA GLU A 314 9.61 9.06 15.80
C GLU A 314 10.55 8.04 15.21
N GLU A 315 11.29 7.35 16.10
CA GLU A 315 12.17 6.28 15.65
C GLU A 315 11.41 5.23 14.86
N PHE A 316 10.22 4.86 15.34
CA PHE A 316 9.39 3.91 14.58
C PHE A 316 7.96 4.13 14.98
#